data_2FSA
#
_entry.id   2FSA
#
_cell.length_a   38.451
_cell.length_b   85.169
_cell.length_c   109.567
_cell.angle_alpha   90.00
_cell.angle_beta   99.03
_cell.angle_gamma   90.00
#
_symmetry.space_group_name_H-M   'P 1 21 1'
#
loop_
_entity.id
_entity.type
_entity.pdbx_description
1 polymer 'bromodomain PHD finger transcription factor'
2 polymer 'Histone H3(1-15)K4me2 peptide'
3 non-polymer 'ZINC ION'
4 water water
#
loop_
_entity_poly.entity_id
_entity_poly.type
_entity_poly.pdbx_seq_one_letter_code
_entity_poly.pdbx_strand_id
1 'polypeptide(L)'
;GPLGSDTKLYCICKTPYDESKFYIGCDRCQNWYHGRCVGILQSEAELIDEYVCPQCQSTEDA(MSE)TVLTPLTEKDYEG
LKRVLRSLQAHK(MSE)AWPFLEPVDPNDAPDYYGVIKEP(MSE)DLAT(MSE)EERVQRRYYEKLTEFVAD(MSE)TKI
FDNCRYYNPSDSPFYQCAEVLESFFVQKLKGFKA
;
A,B,C
2 'polypeptide(L)' ART(MLY)QTARKSTGGKA P
#
loop_
_chem_comp.id
_chem_comp.type
_chem_comp.name
_chem_comp.formula
ZN non-polymer 'ZINC ION' 'Zn 2'
#
# COMPACT_ATOMS: atom_id res chain seq x y z
N ASP A 6 -42.11 31.72 33.65
CA ASP A 6 -40.92 30.98 33.14
C ASP A 6 -40.74 29.69 33.93
N THR A 7 -40.93 28.56 33.26
CA THR A 7 -40.79 27.26 33.92
C THR A 7 -39.51 26.57 33.47
N LYS A 8 -38.71 27.25 32.66
CA LYS A 8 -37.47 26.69 32.15
C LYS A 8 -36.44 26.46 33.25
N LEU A 9 -35.75 25.34 33.17
CA LEU A 9 -34.70 24.99 34.12
C LEU A 9 -33.38 25.47 33.51
N TYR A 10 -32.77 26.45 34.16
CA TYR A 10 -31.51 27.03 33.68
C TYR A 10 -30.27 26.41 34.30
N CYS A 11 -29.12 26.80 33.76
CA CYS A 11 -27.83 26.37 34.27
C CYS A 11 -27.60 24.86 34.17
N ILE A 12 -26.43 24.42 34.62
CA ILE A 12 -26.11 22.99 34.60
C ILE A 12 -26.87 22.28 35.71
N CYS A 13 -27.19 23.03 36.77
CA CYS A 13 -27.90 22.47 37.91
C CYS A 13 -29.39 22.26 37.61
N LYS A 14 -29.83 22.77 36.47
CA LYS A 14 -31.22 22.63 36.04
C LYS A 14 -32.24 23.07 37.08
N THR A 15 -32.24 24.37 37.39
CA THR A 15 -33.19 24.93 38.36
C THR A 15 -33.89 26.15 37.79
N PRO A 16 -35.07 26.49 38.34
CA PRO A 16 -35.85 27.65 37.88
C PRO A 16 -35.11 28.95 38.19
N TYR A 17 -35.43 30.00 37.43
CA TYR A 17 -34.79 31.28 37.63
C TYR A 17 -35.00 31.85 39.03
N ASP A 18 -33.91 32.28 39.65
CA ASP A 18 -33.93 32.86 40.99
C ASP A 18 -33.44 34.30 40.85
N GLU A 19 -34.37 35.26 40.90
CA GLU A 19 -34.03 36.68 40.74
C GLU A 19 -32.96 37.20 41.69
N SER A 20 -32.74 36.52 42.81
CA SER A 20 -31.73 36.97 43.77
C SER A 20 -30.32 36.52 43.43
N LYS A 21 -30.19 35.61 42.46
CA LYS A 21 -28.87 35.10 42.09
C LYS A 21 -28.30 35.68 40.80
N PHE A 22 -26.97 35.72 40.74
CA PHE A 22 -26.24 36.24 39.59
C PHE A 22 -26.08 35.20 38.47
N TYR A 23 -26.47 35.58 37.25
CA TYR A 23 -26.34 34.69 36.10
C TYR A 23 -25.55 35.32 34.95
N ILE A 24 -24.87 34.47 34.18
CA ILE A 24 -24.13 34.96 33.02
C ILE A 24 -24.67 34.17 31.83
N GLY A 25 -24.87 34.84 30.70
CA GLY A 25 -25.39 34.15 29.53
C GLY A 25 -24.34 33.66 28.57
N CYS A 26 -24.54 32.46 28.04
CA CYS A 26 -23.60 31.88 27.09
C CYS A 26 -24.04 32.29 25.68
N ASP A 27 -23.14 32.91 24.94
CA ASP A 27 -23.46 33.34 23.59
C ASP A 27 -23.55 32.21 22.59
N ARG A 28 -23.04 31.04 22.97
CA ARG A 28 -23.07 29.89 22.08
C ARG A 28 -24.41 29.14 22.15
N CYS A 29 -24.82 28.72 23.35
CA CYS A 29 -26.08 28.00 23.50
C CYS A 29 -27.25 28.88 23.94
N GLN A 30 -26.95 30.09 24.39
CA GLN A 30 -27.97 31.04 24.83
C GLN A 30 -28.69 30.61 26.11
N ASN A 31 -28.08 29.72 26.88
CA ASN A 31 -28.65 29.29 28.15
C ASN A 31 -28.07 30.27 29.15
N TRP A 32 -28.57 30.23 30.39
CA TRP A 32 -28.08 31.11 31.44
C TRP A 32 -27.51 30.27 32.58
N TYR A 33 -26.39 30.72 33.13
CA TYR A 33 -25.73 29.99 34.21
C TYR A 33 -25.46 30.80 35.45
N HIS A 34 -25.63 30.15 36.61
CA HIS A 34 -25.31 30.79 37.87
C HIS A 34 -23.82 31.03 37.81
N GLY A 35 -23.37 32.24 38.16
CA GLY A 35 -21.95 32.51 38.13
C GLY A 35 -21.16 31.46 38.89
N ARG A 36 -21.65 31.11 40.08
CA ARG A 36 -20.97 30.13 40.92
C ARG A 36 -20.85 28.75 40.29
N CYS A 37 -21.88 28.32 39.55
CA CYS A 37 -21.84 27.00 38.94
C CYS A 37 -20.82 26.88 37.80
N VAL A 38 -20.46 28.01 37.20
CA VAL A 38 -19.48 27.96 36.10
C VAL A 38 -18.18 28.68 36.45
N GLY A 39 -18.01 29.00 37.73
CA GLY A 39 -16.81 29.66 38.19
C GLY A 39 -16.58 31.10 37.80
N ILE A 40 -17.65 31.85 37.53
CA ILE A 40 -17.51 33.24 37.14
C ILE A 40 -18.02 34.16 38.24
N LEU A 41 -17.21 35.14 38.64
CA LEU A 41 -17.62 36.09 39.67
C LEU A 41 -18.28 37.28 39.01
N GLN A 42 -19.31 37.84 39.65
CA GLN A 42 -20.03 38.98 39.08
C GLN A 42 -19.12 40.17 38.73
N SER A 43 -18.16 40.47 39.59
CA SER A 43 -17.24 41.58 39.32
C SER A 43 -16.40 41.22 38.11
N GLU A 44 -16.08 39.93 37.98
CA GLU A 44 -15.29 39.39 36.89
C GLU A 44 -16.02 39.48 35.54
N ALA A 45 -17.32 39.21 35.55
CA ALA A 45 -18.11 39.25 34.32
C ALA A 45 -17.99 40.58 33.59
N GLU A 46 -17.78 41.66 34.35
CA GLU A 46 -17.65 42.99 33.77
C GLU A 46 -16.52 43.06 32.74
N LEU A 47 -15.45 42.32 32.97
CA LEU A 47 -14.30 42.31 32.08
C LEU A 47 -14.38 41.30 30.94
N ILE A 48 -15.49 40.58 30.86
CA ILE A 48 -15.67 39.56 29.82
C ILE A 48 -16.51 40.09 28.66
N ASP A 49 -16.03 39.88 27.44
CA ASP A 49 -16.74 40.32 26.24
C ASP A 49 -17.73 39.21 25.87
N GLU A 50 -17.31 38.31 24.98
CA GLU A 50 -18.17 37.19 24.59
C GLU A 50 -17.94 36.08 25.62
N TYR A 51 -19.02 35.45 26.07
CA TYR A 51 -18.87 34.37 27.05
C TYR A 51 -19.32 33.01 26.49
N VAL A 52 -18.51 32.00 26.75
CA VAL A 52 -18.82 30.64 26.29
C VAL A 52 -18.77 29.76 27.54
N CYS A 53 -19.87 29.08 27.85
CA CYS A 53 -19.94 28.23 29.04
C CYS A 53 -19.02 27.00 28.95
N PRO A 54 -18.74 26.36 30.09
CA PRO A 54 -17.87 25.18 30.13
C PRO A 54 -18.26 24.04 29.20
N GLN A 55 -19.54 23.70 29.15
CA GLN A 55 -20.00 22.62 28.29
C GLN A 55 -19.82 22.95 26.82
N CYS A 56 -20.10 24.20 26.43
CA CYS A 56 -19.91 24.58 25.03
C CYS A 56 -18.41 24.62 24.70
N GLN A 57 -17.60 25.10 25.65
CA GLN A 57 -16.16 25.14 25.41
C GLN A 57 -15.62 23.72 25.27
N SER A 58 -16.19 22.79 26.02
CA SER A 58 -15.77 21.40 25.95
C SER A 58 -16.12 20.83 24.58
N THR A 59 -17.33 21.13 24.11
CA THR A 59 -17.77 20.64 22.82
C THR A 59 -16.90 21.22 21.70
N GLU A 60 -16.59 22.51 21.80
CA GLU A 60 -15.74 23.15 20.79
C GLU A 60 -14.35 22.51 20.77
N ASP A 61 -13.83 22.17 21.94
CA ASP A 61 -12.52 21.55 22.02
C ASP A 61 -12.54 20.15 21.38
N ALA A 62 -13.59 19.38 21.64
CA ALA A 62 -13.71 18.03 21.06
C ALA A 62 -13.95 18.08 19.56
N MSE A 63 -14.57 19.16 19.14
CA MSE A 63 -14.93 19.42 17.74
C MSE A 63 -13.73 19.67 16.82
O MSE A 63 -13.79 19.35 15.64
CB MSE A 63 -15.79 20.67 17.70
CG MSE A 63 -17.09 20.56 17.02
SE MSE A 63 -17.99 22.14 17.61
CE MSE A 63 -17.08 23.49 16.58
N THR A 64 -12.69 20.27 17.38
CA THR A 64 -11.49 20.62 16.61
C THR A 64 -10.94 19.58 15.65
N VAL A 65 -10.96 18.31 16.05
CA VAL A 65 -10.42 17.28 15.17
C VAL A 65 -11.43 16.77 14.14
N LEU A 66 -12.71 17.17 14.28
CA LEU A 66 -13.75 16.71 13.36
C LEU A 66 -14.19 17.72 12.30
N THR A 67 -13.89 19.00 12.51
CA THR A 67 -14.29 20.02 11.54
C THR A 67 -13.45 20.01 10.27
N PRO A 68 -13.99 20.52 9.15
CA PRO A 68 -13.25 20.55 7.90
C PRO A 68 -11.95 21.33 8.03
N LEU A 69 -10.89 20.86 7.36
CA LEU A 69 -9.62 21.56 7.41
C LEU A 69 -9.69 22.73 6.44
N THR A 70 -9.27 23.90 6.89
CA THR A 70 -9.27 25.09 6.04
C THR A 70 -7.89 25.28 5.42
N GLU A 71 -7.77 26.25 4.54
CA GLU A 71 -6.46 26.51 3.91
C GLU A 71 -5.46 26.94 4.98
N LYS A 72 -5.93 27.66 5.98
CA LYS A 72 -5.05 28.10 7.07
C LYS A 72 -4.62 26.86 7.86
N ASP A 73 -5.56 25.93 8.05
CA ASP A 73 -5.25 24.69 8.78
C ASP A 73 -4.16 23.95 8.02
N TYR A 74 -4.28 23.92 6.70
CA TYR A 74 -3.29 23.22 5.89
C TYR A 74 -1.90 23.83 5.97
N GLU A 75 -1.84 25.16 6.12
CA GLU A 75 -0.54 25.81 6.24
C GLU A 75 0.05 25.35 7.58
N GLY A 76 -0.84 25.14 8.55
CA GLY A 76 -0.41 24.67 9.86
C GLY A 76 0.08 23.24 9.82
N LEU A 77 -0.60 22.37 9.07
CA LEU A 77 -0.21 20.98 8.97
C LEU A 77 1.18 20.87 8.37
N LYS A 78 1.47 21.69 7.37
CA LYS A 78 2.78 21.67 6.72
C LYS A 78 3.83 22.10 7.74
N ARG A 79 3.50 23.09 8.56
CA ARG A 79 4.41 23.58 9.57
C ARG A 79 4.71 22.49 10.59
N VAL A 80 3.67 21.78 11.01
CA VAL A 80 3.84 20.71 11.99
C VAL A 80 4.67 19.57 11.41
N LEU A 81 4.36 19.17 10.18
CA LEU A 81 5.11 18.09 9.54
C LEU A 81 6.57 18.43 9.43
N ARG A 82 6.86 19.65 8.99
CA ARG A 82 8.23 20.08 8.85
C ARG A 82 9.00 20.12 10.17
N SER A 83 8.32 20.50 11.25
CA SER A 83 9.01 20.53 12.54
C SER A 83 9.35 19.09 12.97
N LEU A 84 8.49 18.15 12.61
CA LEU A 84 8.74 16.74 12.92
C LEU A 84 9.89 16.20 12.09
N GLN A 85 9.88 16.52 10.79
CA GLN A 85 10.93 16.07 9.88
C GLN A 85 12.31 16.59 10.28
N ALA A 86 12.35 17.76 10.91
CA ALA A 86 13.63 18.35 11.31
C ALA A 86 14.07 17.93 12.72
N HIS A 87 13.22 17.19 13.40
CA HIS A 87 13.51 16.74 14.77
C HIS A 87 14.62 15.68 14.77
N LYS A 88 15.51 15.75 15.75
CA LYS A 88 16.62 14.80 15.85
C LYS A 88 16.21 13.33 15.93
N MSE A 89 15.08 13.04 16.56
CA MSE A 89 14.60 11.67 16.69
C MSE A 89 13.74 11.20 15.51
O MSE A 89 13.24 10.08 15.52
CB MSE A 89 13.77 11.50 17.98
CG MSE A 89 14.59 11.28 19.24
SE MSE A 89 15.73 12.75 19.72
CE MSE A 89 16.04 12.23 21.57
N ALA A 90 13.59 12.03 14.48
CA ALA A 90 12.75 11.66 13.34
C ALA A 90 13.41 10.87 12.23
N TRP A 91 14.73 10.72 12.26
CA TRP A 91 15.43 10.01 11.19
C TRP A 91 14.89 8.62 10.80
N PRO A 92 14.33 7.85 11.76
CA PRO A 92 13.82 6.53 11.36
C PRO A 92 12.50 6.55 10.60
N PHE A 93 11.82 7.69 10.62
CA PHE A 93 10.49 7.81 10.02
C PHE A 93 10.36 8.73 8.82
N LEU A 94 11.48 9.22 8.30
CA LEU A 94 11.44 10.14 7.17
C LEU A 94 10.93 9.56 5.86
N GLU A 95 11.25 8.30 5.60
CA GLU A 95 10.86 7.64 4.36
C GLU A 95 10.36 6.23 4.62
N PRO A 96 9.69 5.61 3.64
CA PRO A 96 9.20 4.25 3.85
C PRO A 96 10.36 3.35 4.26
N VAL A 97 10.09 2.39 5.14
CA VAL A 97 11.13 1.48 5.60
C VAL A 97 11.65 0.62 4.46
N ASP A 98 12.96 0.47 4.39
CA ASP A 98 13.58 -0.34 3.34
C ASP A 98 13.63 -1.78 3.84
N PRO A 99 13.02 -2.72 3.10
CA PRO A 99 13.02 -4.13 3.49
C PRO A 99 14.41 -4.65 3.85
N ASN A 100 15.43 -4.17 3.15
CA ASN A 100 16.80 -4.59 3.38
C ASN A 100 17.34 -4.13 4.73
N ASP A 101 16.70 -3.13 5.32
CA ASP A 101 17.13 -2.60 6.61
C ASP A 101 16.29 -3.15 7.76
N ALA A 102 15.13 -3.71 7.43
CA ALA A 102 14.24 -4.26 8.45
C ALA A 102 13.65 -5.60 8.02
N PRO A 103 14.22 -6.71 8.52
CA PRO A 103 13.78 -8.08 8.21
C PRO A 103 12.28 -8.29 8.41
N ASP A 104 11.63 -8.82 7.38
CA ASP A 104 10.19 -9.10 7.38
C ASP A 104 9.32 -7.96 7.91
N TYR A 105 9.77 -6.73 7.70
CA TYR A 105 9.02 -5.56 8.17
C TYR A 105 7.59 -5.58 7.64
N TYR A 106 7.44 -5.77 6.33
CA TYR A 106 6.12 -5.77 5.73
C TYR A 106 5.29 -7.02 6.03
N GLY A 107 5.90 -7.98 6.72
CA GLY A 107 5.18 -9.17 7.12
C GLY A 107 4.66 -8.96 8.53
N VAL A 108 5.18 -7.93 9.19
CA VAL A 108 4.78 -7.61 10.55
C VAL A 108 3.85 -6.39 10.58
N ILE A 109 4.17 -5.40 9.74
CA ILE A 109 3.38 -4.17 9.67
C ILE A 109 2.44 -4.16 8.47
N LYS A 110 1.14 -4.26 8.75
CA LYS A 110 0.12 -4.29 7.72
C LYS A 110 -0.25 -2.93 7.13
N GLU A 111 -0.04 -1.87 7.90
CA GLU A 111 -0.35 -0.53 7.43
C GLU A 111 0.82 0.42 7.64
N PRO A 112 1.83 0.34 6.77
CA PRO A 112 3.00 1.22 6.89
C PRO A 112 2.68 2.70 6.65
N MSE A 113 3.46 3.56 7.28
CA MSE A 113 3.26 5.00 7.13
C MSE A 113 4.59 5.68 7.47
O MSE A 113 5.37 5.17 8.27
CB MSE A 113 2.16 5.49 8.08
CG MSE A 113 1.80 6.97 7.95
SE MSE A 113 1.31 7.49 6.15
CE MSE A 113 -0.05 6.18 5.77
N ASP A 114 4.86 6.80 6.82
CA ASP A 114 6.08 7.54 7.07
C ASP A 114 5.81 9.01 6.80
N LEU A 115 6.73 9.87 7.21
CA LEU A 115 6.57 11.30 7.05
C LEU A 115 6.55 11.79 5.60
N ALA A 116 7.25 11.09 4.72
CA ALA A 116 7.28 11.49 3.31
C ALA A 116 5.91 11.23 2.68
N THR A 117 5.28 10.12 3.07
CA THR A 117 3.96 9.78 2.54
C THR A 117 2.95 10.80 3.06
N MSE A 118 3.10 11.22 4.31
CA MSE A 118 2.21 12.21 4.88
C MSE A 118 2.40 13.58 4.21
O MSE A 118 1.43 14.30 3.98
CB MSE A 118 2.45 12.34 6.38
CG MSE A 118 1.99 11.13 7.17
SE MSE A 118 2.06 11.43 9.07
CE MSE A 118 0.70 12.80 9.17
N GLU A 119 3.64 13.91 3.87
CA GLU A 119 3.91 15.20 3.21
C GLU A 119 3.22 15.20 1.84
N GLU A 120 3.22 14.06 1.17
CA GLU A 120 2.59 13.94 -0.14
C GLU A 120 1.08 14.08 0.03
N ARG A 121 0.52 13.49 1.08
CA ARG A 121 -0.91 13.58 1.33
C ARG A 121 -1.32 15.02 1.65
N VAL A 122 -0.48 15.72 2.40
CA VAL A 122 -0.77 17.12 2.71
C VAL A 122 -0.76 17.93 1.41
N GLN A 123 0.24 17.68 0.57
CA GLN A 123 0.37 18.38 -0.69
C GLN A 123 -0.86 18.24 -1.58
N ARG A 124 -1.44 17.04 -1.65
CA ARG A 124 -2.61 16.85 -2.49
C ARG A 124 -3.94 16.98 -1.72
N ARG A 125 -3.88 17.63 -0.56
CA ARG A 125 -5.07 17.85 0.26
C ARG A 125 -5.89 16.58 0.49
N TYR A 126 -5.19 15.51 0.86
CA TYR A 126 -5.82 14.22 1.12
C TYR A 126 -6.64 14.19 2.41
N TYR A 127 -6.23 14.95 3.41
CA TYR A 127 -6.93 14.98 4.69
C TYR A 127 -8.09 15.96 4.67
N GLU A 128 -9.22 15.56 5.21
CA GLU A 128 -10.37 16.46 5.27
C GLU A 128 -10.67 16.88 6.70
N LYS A 129 -10.13 16.14 7.67
CA LYS A 129 -10.33 16.43 9.09
C LYS A 129 -9.01 16.21 9.82
N LEU A 130 -8.78 16.95 10.89
CA LEU A 130 -7.53 16.80 11.64
C LEU A 130 -7.38 15.38 12.20
N THR A 131 -8.49 14.74 12.52
CA THR A 131 -8.43 13.39 13.05
C THR A 131 -7.73 12.40 12.11
N GLU A 132 -7.84 12.63 10.81
CA GLU A 132 -7.22 11.75 9.82
C GLU A 132 -5.71 11.96 9.79
N PHE A 133 -5.27 13.20 9.94
CA PHE A 133 -3.86 13.55 9.97
C PHE A 133 -3.24 12.93 11.22
N VAL A 134 -3.93 13.12 12.36
CA VAL A 134 -3.45 12.57 13.63
C VAL A 134 -3.38 11.04 13.56
N ALA A 135 -4.34 10.43 12.88
CA ALA A 135 -4.37 8.98 12.73
C ALA A 135 -3.14 8.45 11.97
N ASP A 136 -2.75 9.12 10.89
CA ASP A 136 -1.57 8.69 10.13
C ASP A 136 -0.30 8.83 10.98
N MSE A 137 -0.18 9.96 11.66
CA MSE A 137 0.99 10.20 12.49
C MSE A 137 1.06 9.15 13.60
O MSE A 137 2.14 8.62 13.90
CB MSE A 137 0.93 11.61 13.11
CG MSE A 137 2.17 12.02 13.87
SE MSE A 137 3.74 12.23 12.74
CE MSE A 137 3.17 13.78 11.72
N THR A 138 -0.07 8.84 14.20
CA THR A 138 -0.12 7.86 15.27
C THR A 138 0.28 6.48 14.76
N LYS A 139 -0.07 6.21 13.51
CA LYS A 139 0.25 4.94 12.86
C LYS A 139 1.76 4.77 12.77
N ILE A 140 2.46 5.85 12.45
CA ILE A 140 3.91 5.82 12.36
C ILE A 140 4.53 5.36 13.67
N PHE A 141 4.07 5.96 14.78
CA PHE A 141 4.60 5.62 16.09
C PHE A 141 4.16 4.24 16.58
N ASP A 142 2.91 3.87 16.31
CA ASP A 142 2.41 2.56 16.73
C ASP A 142 3.11 1.45 15.94
N ASN A 143 3.36 1.68 14.65
CA ASN A 143 4.07 0.68 13.85
C ASN A 143 5.47 0.45 14.40
N CYS A 144 6.15 1.53 14.75
CA CYS A 144 7.51 1.44 15.27
C CYS A 144 7.56 0.67 16.59
N ARG A 145 6.65 0.98 17.49
CA ARG A 145 6.61 0.30 18.79
C ARG A 145 6.15 -1.14 18.68
N TYR A 146 5.51 -1.50 17.57
CA TYR A 146 5.03 -2.87 17.40
C TYR A 146 6.14 -3.74 16.79
N TYR A 147 6.88 -3.16 15.85
CA TYR A 147 7.97 -3.87 15.17
C TYR A 147 9.26 -3.94 15.97
N ASN A 148 9.60 -2.87 16.68
CA ASN A 148 10.83 -2.82 17.47
C ASN A 148 10.62 -3.10 18.95
N PRO A 149 11.59 -3.76 19.60
CA PRO A 149 11.52 -4.08 21.02
C PRO A 149 11.53 -2.80 21.85
N SER A 150 10.90 -2.84 23.02
CA SER A 150 10.80 -1.69 23.90
C SER A 150 12.09 -1.06 24.39
N ASP A 151 13.21 -1.78 24.28
CA ASP A 151 14.48 -1.22 24.74
C ASP A 151 15.39 -0.76 23.61
N SER A 152 14.86 -0.75 22.39
CA SER A 152 15.65 -0.33 21.24
C SER A 152 15.51 1.18 21.07
N PRO A 153 16.57 1.84 20.56
CA PRO A 153 16.47 3.28 20.37
C PRO A 153 15.36 3.69 19.41
N PHE A 154 15.02 2.82 18.46
CA PHE A 154 13.95 3.10 17.51
C PHE A 154 12.65 3.30 18.28
N TYR A 155 12.39 2.41 19.23
CA TYR A 155 11.19 2.47 20.04
C TYR A 155 11.18 3.79 20.81
N GLN A 156 12.34 4.14 21.38
CA GLN A 156 12.43 5.38 22.13
C GLN A 156 12.22 6.60 21.25
N CYS A 157 12.73 6.57 20.02
CA CYS A 157 12.54 7.70 19.11
C CYS A 157 11.05 7.93 18.88
N ALA A 158 10.29 6.84 18.82
CA ALA A 158 8.84 6.94 18.62
C ALA A 158 8.19 7.59 19.84
N GLU A 159 8.64 7.20 21.02
CA GLU A 159 8.10 7.74 22.27
C GLU A 159 8.37 9.25 22.35
N VAL A 160 9.59 9.65 22.00
CA VAL A 160 9.98 11.05 22.04
C VAL A 160 9.22 11.89 21.02
N LEU A 161 9.18 11.42 19.78
CA LEU A 161 8.49 12.15 18.73
C LEU A 161 6.99 12.29 18.95
N GLU A 162 6.36 11.25 19.49
CA GLU A 162 4.93 11.34 19.72
C GLU A 162 4.63 12.37 20.80
N SER A 163 5.49 12.42 21.81
CA SER A 163 5.35 13.39 22.90
C SER A 163 5.51 14.79 22.32
N PHE A 164 6.50 14.94 21.44
CA PHE A 164 6.78 16.22 20.80
C PHE A 164 5.59 16.63 19.92
N PHE A 165 5.07 15.65 19.18
CA PHE A 165 3.94 15.87 18.28
C PHE A 165 2.69 16.35 19.02
N VAL A 166 2.35 15.67 20.11
CA VAL A 166 1.18 16.03 20.90
C VAL A 166 1.25 17.49 21.34
N GLN A 167 2.43 17.92 21.80
CA GLN A 167 2.61 19.30 22.24
C GLN A 167 2.48 20.26 21.05
N LYS A 168 3.05 19.86 19.92
CA LYS A 168 3.00 20.69 18.71
C LYS A 168 1.57 20.94 18.24
N LEU A 169 0.68 20.01 18.51
CA LEU A 169 -0.72 20.14 18.09
C LEU A 169 -1.59 20.98 19.02
N LYS A 170 -1.09 21.26 20.23
CA LYS A 170 -1.86 22.07 21.17
C LYS A 170 -2.21 23.42 20.57
N GLY A 171 -3.48 23.80 20.67
CA GLY A 171 -3.93 25.07 20.14
C GLY A 171 -3.76 25.20 18.64
N PHE A 172 -3.88 24.09 17.92
CA PHE A 172 -3.72 24.10 16.48
C PHE A 172 -4.85 24.87 15.77
N LYS A 173 -6.09 24.54 16.11
CA LYS A 173 -7.24 25.21 15.51
C LYS A 173 -7.98 26.03 16.56
N THR B 7 6.89 -32.59 -3.81
CA THR B 7 5.75 -33.55 -3.83
C THR B 7 4.53 -32.93 -3.14
N LYS B 8 4.68 -31.69 -2.71
CA LYS B 8 3.58 -30.99 -2.05
C LYS B 8 2.46 -30.75 -3.05
N LEU B 9 1.23 -30.75 -2.56
CA LEU B 9 0.07 -30.53 -3.41
C LEU B 9 -0.50 -29.15 -3.14
N TYR B 10 -0.88 -28.44 -4.20
CA TYR B 10 -1.43 -27.10 -4.05
C TYR B 10 -2.82 -26.98 -4.64
N CYS B 11 -3.44 -25.85 -4.36
CA CYS B 11 -4.76 -25.51 -4.88
C CYS B 11 -5.87 -26.42 -4.37
N ILE B 12 -7.09 -26.07 -4.73
CA ILE B 12 -8.28 -26.82 -4.36
C ILE B 12 -8.24 -28.19 -5.03
N CYS B 13 -7.64 -28.26 -6.21
CA CYS B 13 -7.55 -29.50 -6.96
C CYS B 13 -6.49 -30.47 -6.45
N LYS B 14 -5.73 -30.04 -5.44
CA LYS B 14 -4.70 -30.87 -4.82
C LYS B 14 -3.74 -31.49 -5.84
N THR B 15 -3.04 -30.66 -6.59
CA THR B 15 -2.12 -31.13 -7.62
C THR B 15 -0.70 -30.60 -7.43
N PRO B 16 0.29 -31.29 -8.02
CA PRO B 16 1.71 -30.88 -7.94
C PRO B 16 1.88 -29.53 -8.63
N TYR B 17 2.94 -28.81 -8.28
CA TYR B 17 3.19 -27.50 -8.90
C TYR B 17 3.48 -27.66 -10.38
N ASP B 18 2.79 -26.88 -11.21
CA ASP B 18 3.00 -26.92 -12.66
C ASP B 18 3.61 -25.58 -13.09
N GLU B 19 4.91 -25.62 -13.39
CA GLU B 19 5.67 -24.44 -13.80
C GLU B 19 5.04 -23.62 -14.92
N SER B 20 4.21 -24.26 -15.75
CA SER B 20 3.59 -23.55 -16.86
C SER B 20 2.25 -22.87 -16.56
N LYS B 21 1.69 -23.14 -15.37
CA LYS B 21 0.41 -22.56 -15.00
C LYS B 21 0.49 -21.29 -14.16
N PHE B 22 -0.57 -20.49 -14.22
CA PHE B 22 -0.67 -19.27 -13.45
C PHE B 22 -1.20 -19.59 -12.06
N TYR B 23 -0.54 -19.08 -11.03
CA TYR B 23 -0.95 -19.30 -9.64
C TYR B 23 -1.10 -17.97 -8.91
N ILE B 24 -1.93 -17.96 -7.88
CA ILE B 24 -2.13 -16.78 -7.05
C ILE B 24 -2.04 -17.28 -5.61
N GLY B 25 -1.29 -16.56 -4.77
CA GLY B 25 -1.12 -16.99 -3.40
C GLY B 25 -2.05 -16.35 -2.39
N CYS B 26 -2.54 -17.15 -1.45
CA CYS B 26 -3.43 -16.64 -0.40
C CYS B 26 -2.57 -16.09 0.72
N ASP B 27 -2.85 -14.86 1.14
CA ASP B 27 -2.06 -14.25 2.21
C ASP B 27 -2.37 -14.80 3.60
N ARG B 28 -3.55 -15.38 3.78
CA ARG B 28 -3.93 -15.93 5.08
C ARG B 28 -3.29 -17.29 5.37
N CYS B 29 -3.45 -18.23 4.44
CA CYS B 29 -2.91 -19.58 4.64
C CYS B 29 -1.59 -19.83 3.91
N GLN B 30 -1.20 -18.93 3.02
CA GLN B 30 0.04 -19.05 2.27
C GLN B 30 0.08 -20.21 1.27
N ASN B 31 -1.08 -20.72 0.89
CA ASN B 31 -1.18 -21.81 -0.08
C ASN B 31 -1.28 -21.15 -1.47
N TRP B 32 -1.02 -21.90 -2.53
CA TRP B 32 -1.09 -21.35 -3.89
C TRP B 32 -2.24 -21.98 -4.68
N TYR B 33 -2.92 -21.16 -5.47
CA TYR B 33 -4.07 -21.61 -6.24
C TYR B 33 -4.03 -21.28 -7.72
N HIS B 34 -4.59 -22.17 -8.55
CA HIS B 34 -4.66 -21.92 -9.99
C HIS B 34 -5.70 -20.82 -10.14
N GLY B 35 -5.38 -19.81 -10.94
CA GLY B 35 -6.32 -18.71 -11.14
C GLY B 35 -7.73 -19.19 -11.45
N ARG B 36 -7.84 -20.10 -12.40
CA ARG B 36 -9.14 -20.62 -12.82
C ARG B 36 -9.90 -21.36 -11.73
N CYS B 37 -9.17 -22.11 -10.89
CA CYS B 37 -9.80 -22.86 -9.81
C CYS B 37 -10.44 -21.99 -8.73
N VAL B 38 -9.95 -20.76 -8.57
CA VAL B 38 -10.52 -19.86 -7.57
C VAL B 38 -11.27 -18.70 -8.20
N GLY B 39 -11.56 -18.82 -9.49
CA GLY B 39 -12.31 -17.80 -10.19
C GLY B 39 -11.64 -16.44 -10.34
N ILE B 40 -10.33 -16.42 -10.47
CA ILE B 40 -9.61 -15.16 -10.62
C ILE B 40 -8.89 -15.08 -11.96
N LEU B 41 -9.28 -14.14 -12.79
CA LEU B 41 -8.66 -13.96 -14.09
C LEU B 41 -7.31 -13.29 -13.85
N GLN B 42 -6.35 -13.54 -14.72
CA GLN B 42 -5.02 -12.95 -14.56
C GLN B 42 -5.08 -11.43 -14.63
N SER B 43 -6.05 -10.90 -15.35
CA SER B 43 -6.21 -9.44 -15.49
C SER B 43 -6.68 -8.85 -14.15
N GLU B 44 -7.46 -9.63 -13.41
CA GLU B 44 -7.98 -9.21 -12.12
C GLU B 44 -6.91 -9.29 -11.05
N ALA B 45 -6.20 -10.43 -11.01
CA ALA B 45 -5.15 -10.66 -10.02
C ALA B 45 -4.07 -9.58 -10.03
N GLU B 46 -3.80 -9.02 -11.19
CA GLU B 46 -2.77 -7.98 -11.33
C GLU B 46 -3.24 -6.66 -10.72
N LEU B 47 -4.49 -6.61 -10.25
CA LEU B 47 -5.03 -5.40 -9.66
C LEU B 47 -5.26 -5.47 -8.16
N ILE B 48 -4.90 -6.60 -7.54
CA ILE B 48 -5.09 -6.77 -6.11
C ILE B 48 -3.75 -6.92 -5.40
N ASP B 49 -3.65 -6.30 -4.22
CA ASP B 49 -2.42 -6.34 -3.44
C ASP B 49 -2.46 -7.42 -2.37
N GLU B 50 -3.67 -7.91 -2.09
CA GLU B 50 -3.88 -8.96 -1.10
C GLU B 50 -4.95 -9.91 -1.59
N TYR B 51 -4.74 -11.20 -1.39
CA TYR B 51 -5.73 -12.19 -1.82
C TYR B 51 -6.08 -13.20 -0.74
N VAL B 52 -7.36 -13.51 -0.63
CA VAL B 52 -7.85 -14.47 0.35
C VAL B 52 -8.56 -15.58 -0.41
N CYS B 53 -8.06 -16.81 -0.31
CA CYS B 53 -8.66 -17.93 -1.02
C CYS B 53 -10.08 -18.22 -0.55
N PRO B 54 -10.85 -18.97 -1.34
CA PRO B 54 -12.24 -19.32 -1.00
C PRO B 54 -12.44 -19.92 0.39
N GLN B 55 -11.60 -20.88 0.75
CA GLN B 55 -11.71 -21.55 2.04
C GLN B 55 -11.44 -20.60 3.20
N CYS B 56 -10.38 -19.78 3.06
CA CYS B 56 -10.07 -18.82 4.12
C CYS B 56 -11.14 -17.75 4.21
N GLN B 57 -11.71 -17.38 3.07
CA GLN B 57 -12.77 -16.37 3.05
C GLN B 57 -14.01 -16.92 3.74
N SER B 58 -14.25 -18.21 3.55
CA SER B 58 -15.40 -18.88 4.18
C SER B 58 -15.22 -18.87 5.69
N THR B 59 -14.00 -19.15 6.14
CA THR B 59 -13.70 -19.16 7.56
C THR B 59 -13.86 -17.75 8.13
N GLU B 60 -13.41 -16.76 7.39
CA GLU B 60 -13.53 -15.38 7.85
C GLU B 60 -15.00 -14.98 7.97
N ASP B 61 -15.82 -15.44 7.04
CA ASP B 61 -17.25 -15.10 7.07
C ASP B 61 -17.94 -15.77 8.26
N ALA B 62 -17.50 -16.98 8.60
CA ALA B 62 -18.10 -17.72 9.71
C ALA B 62 -17.69 -17.18 11.07
N MSE B 63 -16.48 -16.66 11.19
CA MSE B 63 -16.00 -16.15 12.47
C MSE B 63 -16.48 -14.73 12.80
O MSE B 63 -16.34 -14.28 13.94
CB MSE B 63 -14.47 -16.21 12.54
CG MSE B 63 -13.75 -15.51 11.41
SE MSE B 63 -11.82 -15.77 11.43
CE MSE B 63 -11.30 -13.90 11.29
N THR B 64 -17.06 -14.03 11.83
CA THR B 64 -17.54 -12.66 12.07
C THR B 64 -18.46 -12.56 13.29
N VAL B 65 -19.25 -13.60 13.54
CA VAL B 65 -20.17 -13.58 14.67
C VAL B 65 -19.54 -14.03 15.99
N LEU B 66 -18.30 -14.52 15.91
CA LEU B 66 -17.61 -15.01 17.10
C LEU B 66 -16.50 -14.09 17.60
N THR B 67 -15.97 -13.23 16.74
CA THR B 67 -14.88 -12.33 17.14
C THR B 67 -15.34 -11.24 18.12
N PRO B 68 -14.39 -10.68 18.88
CA PRO B 68 -14.73 -9.63 19.85
C PRO B 68 -15.35 -8.41 19.17
N LEU B 69 -16.32 -7.78 19.84
CA LEU B 69 -16.95 -6.60 19.29
C LEU B 69 -16.06 -5.40 19.57
N THR B 70 -15.69 -4.68 18.52
CA THR B 70 -14.84 -3.51 18.64
C THR B 70 -15.70 -2.28 18.92
N GLU B 71 -15.04 -1.16 19.21
CA GLU B 71 -15.78 0.07 19.48
C GLU B 71 -16.56 0.46 18.23
N LYS B 72 -15.97 0.22 17.07
CA LYS B 72 -16.65 0.53 15.82
C LYS B 72 -17.86 -0.37 15.65
N ASP B 73 -17.73 -1.64 16.04
CA ASP B 73 -18.85 -2.55 15.93
C ASP B 73 -20.00 -2.04 16.80
N TYR B 74 -19.68 -1.60 18.00
CA TYR B 74 -20.72 -1.11 18.90
C TYR B 74 -21.48 0.09 18.35
N GLU B 75 -20.78 0.99 17.67
CA GLU B 75 -21.44 2.15 17.09
C GLU B 75 -22.37 1.64 16.00
N GLY B 76 -21.93 0.57 15.32
CA GLY B 76 -22.75 -0.01 14.28
C GLY B 76 -24.00 -0.68 14.83
N LEU B 77 -23.85 -1.33 15.99
CA LEU B 77 -24.98 -2.00 16.62
C LEU B 77 -26.06 -1.01 17.04
N LYS B 78 -25.64 0.15 17.52
CA LYS B 78 -26.60 1.17 17.92
C LYS B 78 -27.39 1.60 16.69
N ARG B 79 -26.71 1.76 15.56
CA ARG B 79 -27.36 2.15 14.32
C ARG B 79 -28.32 1.08 13.81
N VAL B 80 -27.96 -0.19 13.98
CA VAL B 80 -28.84 -1.26 13.53
C VAL B 80 -30.13 -1.18 14.35
N LEU B 81 -30.00 -1.02 15.66
CA LEU B 81 -31.18 -0.92 16.53
C LEU B 81 -32.04 0.28 16.15
N ARG B 82 -31.39 1.41 15.88
CA ARG B 82 -32.09 2.64 15.52
C ARG B 82 -32.86 2.46 14.21
N SER B 83 -32.27 1.73 13.28
CA SER B 83 -32.91 1.46 12.00
C SER B 83 -34.15 0.60 12.22
N LEU B 84 -34.05 -0.38 13.11
CA LEU B 84 -35.18 -1.26 13.40
C LEU B 84 -36.29 -0.53 14.16
N GLN B 85 -35.89 0.27 15.15
CA GLN B 85 -36.86 1.01 15.96
C GLN B 85 -37.65 1.98 15.10
N ALA B 86 -37.10 2.35 13.95
CA ALA B 86 -37.76 3.29 13.04
C ALA B 86 -38.63 2.61 12.00
N HIS B 87 -38.53 1.28 11.92
CA HIS B 87 -39.28 0.47 10.95
C HIS B 87 -40.78 0.47 11.30
N LYS B 88 -41.64 0.55 10.28
CA LYS B 88 -43.08 0.56 10.52
C LYS B 88 -43.61 -0.69 11.21
N MSE B 89 -42.97 -1.84 10.97
CA MSE B 89 -43.43 -3.09 11.58
C MSE B 89 -42.82 -3.36 12.96
O MSE B 89 -43.07 -4.41 13.56
CB MSE B 89 -43.11 -4.28 10.67
CG MSE B 89 -44.14 -4.53 9.56
SE MSE B 89 -44.23 -3.12 8.24
CE MSE B 89 -45.02 -4.11 6.79
N ALA B 90 -42.05 -2.42 13.50
CA ALA B 90 -41.42 -2.63 14.80
C ALA B 90 -42.22 -2.21 16.02
N TRP B 91 -43.36 -1.54 15.84
CA TRP B 91 -44.15 -1.07 16.96
C TRP B 91 -44.46 -2.11 18.06
N PRO B 92 -44.64 -3.39 17.71
CA PRO B 92 -44.93 -4.35 18.79
C PRO B 92 -43.70 -4.74 19.63
N PHE B 93 -42.52 -4.41 19.15
CA PHE B 93 -41.28 -4.80 19.83
C PHE B 93 -40.45 -3.69 20.45
N LEU B 94 -40.97 -2.46 20.43
CA LEU B 94 -40.22 -1.33 20.96
C LEU B 94 -39.93 -1.37 22.45
N GLU B 95 -40.93 -1.78 23.24
CA GLU B 95 -40.80 -1.81 24.68
C GLU B 95 -41.28 -3.12 25.27
N PRO B 96 -40.93 -3.39 26.54
CA PRO B 96 -41.38 -4.64 27.17
C PRO B 96 -42.90 -4.66 27.20
N VAL B 97 -43.49 -5.84 27.11
CA VAL B 97 -44.95 -5.96 27.14
C VAL B 97 -45.47 -5.48 28.49
N ASP B 98 -46.60 -4.76 28.46
CA ASP B 98 -47.21 -4.26 29.69
C ASP B 98 -48.12 -5.35 30.24
N PRO B 99 -47.86 -5.80 31.48
CA PRO B 99 -48.67 -6.85 32.12
C PRO B 99 -50.17 -6.56 32.07
N ASN B 100 -50.52 -5.28 32.20
CA ASN B 100 -51.91 -4.86 32.18
C ASN B 100 -52.56 -5.03 30.81
N ASP B 101 -51.75 -5.08 29.76
CA ASP B 101 -52.27 -5.24 28.41
C ASP B 101 -52.34 -6.70 28.00
N ALA B 102 -51.47 -7.52 28.57
CA ALA B 102 -51.43 -8.95 28.28
C ALA B 102 -51.09 -9.67 29.58
N PRO B 103 -52.11 -9.89 30.43
CA PRO B 103 -52.00 -10.57 31.72
C PRO B 103 -51.27 -11.92 31.73
N ASP B 104 -51.39 -12.66 30.64
CA ASP B 104 -50.76 -13.99 30.56
C ASP B 104 -49.38 -14.01 29.93
N TYR B 105 -48.95 -12.89 29.36
CA TYR B 105 -47.67 -12.83 28.67
C TYR B 105 -46.45 -13.36 29.42
N TYR B 106 -46.15 -12.78 30.57
CA TYR B 106 -44.99 -13.21 31.34
C TYR B 106 -45.11 -14.60 31.95
N GLY B 107 -46.29 -15.17 31.90
CA GLY B 107 -46.48 -16.51 32.42
C GLY B 107 -46.27 -17.50 31.29
N VAL B 108 -46.46 -17.02 30.07
CA VAL B 108 -46.31 -17.84 28.87
C VAL B 108 -44.94 -17.73 28.22
N ILE B 109 -44.38 -16.51 28.23
CA ILE B 109 -43.07 -16.24 27.64
C ILE B 109 -42.01 -16.23 28.73
N LYS B 110 -41.19 -17.29 28.76
CA LYS B 110 -40.15 -17.42 29.79
C LYS B 110 -38.96 -16.49 29.67
N GLU B 111 -38.58 -16.13 28.45
CA GLU B 111 -37.47 -15.22 28.23
C GLU B 111 -37.87 -14.05 27.35
N PRO B 112 -38.57 -13.06 27.92
CA PRO B 112 -39.00 -11.90 27.15
C PRO B 112 -37.84 -11.01 26.70
N MSE B 113 -38.00 -10.38 25.54
CA MSE B 113 -36.97 -9.49 25.00
C MSE B 113 -37.64 -8.44 24.15
O MSE B 113 -38.70 -8.68 23.58
CB MSE B 113 -35.96 -10.29 24.16
CG MSE B 113 -34.76 -9.48 23.68
SE MSE B 113 -33.75 -8.60 25.11
CE MSE B 113 -33.52 -10.14 26.27
N ASP B 114 -37.02 -7.26 24.08
CA ASP B 114 -37.55 -6.17 23.30
C ASP B 114 -36.40 -5.24 22.89
N LEU B 115 -36.66 -4.36 21.93
CA LEU B 115 -35.63 -3.45 21.43
C LEU B 115 -35.08 -2.46 22.46
N ALA B 116 -35.92 -2.02 23.40
CA ALA B 116 -35.46 -1.08 24.41
C ALA B 116 -34.46 -1.77 25.34
N THR B 117 -34.74 -3.02 25.67
CA THR B 117 -33.84 -3.77 26.53
C THR B 117 -32.52 -4.00 25.80
N MSE B 118 -32.61 -4.28 24.51
CA MSE B 118 -31.41 -4.49 23.73
C MSE B 118 -30.58 -3.22 23.61
O MSE B 118 -29.34 -3.26 23.61
CB MSE B 118 -31.75 -5.01 22.33
CG MSE B 118 -32.29 -6.42 22.33
SE MSE B 118 -32.48 -7.16 20.56
CE MSE B 118 -30.60 -7.24 20.08
N GLU B 119 -31.24 -2.06 23.53
CA GLU B 119 -30.52 -0.80 23.43
C GLU B 119 -29.75 -0.55 24.72
N GLU B 120 -30.39 -0.89 25.85
CA GLU B 120 -29.77 -0.73 27.16
C GLU B 120 -28.57 -1.67 27.27
N ARG B 121 -28.69 -2.88 26.75
CA ARG B 121 -27.59 -3.84 26.79
C ARG B 121 -26.43 -3.37 25.92
N VAL B 122 -26.74 -2.74 24.79
CA VAL B 122 -25.71 -2.22 23.92
C VAL B 122 -25.00 -1.07 24.63
N GLN B 123 -25.78 -0.21 25.26
CA GLN B 123 -25.25 0.95 25.97
C GLN B 123 -24.25 0.58 27.07
N ARG B 124 -24.53 -0.53 27.76
CA ARG B 124 -23.64 -0.97 28.83
C ARG B 124 -22.61 -2.01 28.38
N ARG B 125 -22.46 -2.17 27.07
CA ARG B 125 -21.49 -3.11 26.51
C ARG B 125 -21.70 -4.53 27.01
N TYR B 126 -22.96 -4.93 27.12
CA TYR B 126 -23.33 -6.25 27.58
C TYR B 126 -22.90 -7.36 26.59
N TYR B 127 -22.97 -7.04 25.30
CA TYR B 127 -22.60 -7.99 24.26
C TYR B 127 -21.09 -7.97 24.01
N GLU B 128 -20.50 -9.14 23.80
CA GLU B 128 -19.06 -9.22 23.54
C GLU B 128 -18.80 -9.86 22.19
N LYS B 129 -19.83 -10.50 21.64
CA LYS B 129 -19.77 -11.15 20.34
C LYS B 129 -21.07 -10.90 19.60
N LEU B 130 -21.01 -10.82 18.27
CA LEU B 130 -22.20 -10.57 17.47
C LEU B 130 -23.26 -11.65 17.70
N THR B 131 -22.83 -12.91 17.86
CA THR B 131 -23.78 -14.00 18.08
C THR B 131 -24.74 -13.73 19.22
N GLU B 132 -24.26 -13.08 20.27
CA GLU B 132 -25.08 -12.78 21.43
C GLU B 132 -26.15 -11.74 21.11
N PHE B 133 -25.79 -10.79 20.26
CA PHE B 133 -26.72 -9.73 19.86
C PHE B 133 -27.79 -10.32 18.94
N VAL B 134 -27.36 -11.17 18.00
CA VAL B 134 -28.29 -11.82 17.08
C VAL B 134 -29.23 -12.75 17.85
N ALA B 135 -28.72 -13.36 18.92
CA ALA B 135 -29.53 -14.27 19.72
C ALA B 135 -30.67 -13.54 20.41
N ASP B 136 -30.42 -12.32 20.89
CA ASP B 136 -31.48 -11.58 21.56
C ASP B 136 -32.54 -11.14 20.55
N MSE B 137 -32.08 -10.73 19.37
CA MSE B 137 -33.00 -10.28 18.33
C MSE B 137 -33.89 -11.45 17.93
O MSE B 137 -35.11 -11.31 17.77
CB MSE B 137 -32.20 -9.79 17.13
CG MSE B 137 -33.06 -9.14 16.04
SE MSE B 137 -33.92 -7.54 16.71
CE MSE B 137 -32.34 -6.45 16.96
N THR B 138 -33.27 -12.61 17.76
CA THR B 138 -33.99 -13.81 17.36
C THR B 138 -35.03 -14.19 18.40
N LYS B 139 -34.72 -13.93 19.67
CA LYS B 139 -35.64 -14.23 20.76
C LYS B 139 -36.89 -13.37 20.61
N ILE B 140 -36.71 -12.11 20.25
CA ILE B 140 -37.82 -11.19 20.06
C ILE B 140 -38.81 -11.76 19.04
N PHE B 141 -38.29 -12.20 17.89
CA PHE B 141 -39.14 -12.75 16.85
C PHE B 141 -39.72 -14.12 17.20
N ASP B 142 -38.93 -14.97 17.85
CA ASP B 142 -39.42 -16.30 18.21
C ASP B 142 -40.52 -16.20 19.27
N ASN B 143 -40.37 -15.29 20.22
CA ASN B 143 -41.39 -15.11 21.26
C ASN B 143 -42.71 -14.67 20.63
N CYS B 144 -42.61 -13.72 19.72
CA CYS B 144 -43.80 -13.19 19.04
C CYS B 144 -44.51 -14.28 18.24
N ARG B 145 -43.76 -15.04 17.46
CA ARG B 145 -44.34 -16.10 16.65
C ARG B 145 -44.89 -17.24 17.50
N TYR B 146 -44.44 -17.34 18.75
CA TYR B 146 -44.92 -18.37 19.64
C TYR B 146 -46.21 -17.92 20.33
N TYR B 147 -46.21 -16.67 20.78
CA TYR B 147 -47.35 -16.10 21.49
C TYR B 147 -48.57 -15.84 20.60
N ASN B 148 -48.34 -15.44 19.35
CA ASN B 148 -49.44 -15.14 18.43
C ASN B 148 -49.60 -16.18 17.31
N PRO B 149 -50.83 -16.35 16.81
CA PRO B 149 -51.10 -17.30 15.73
C PRO B 149 -50.51 -16.75 14.42
N SER B 150 -50.16 -17.64 13.49
CA SER B 150 -49.55 -17.25 12.23
C SER B 150 -50.32 -16.26 11.36
N ASP B 151 -51.63 -16.15 11.56
CA ASP B 151 -52.42 -15.22 10.76
C ASP B 151 -52.60 -13.87 11.44
N SER B 152 -51.98 -13.71 12.59
CA SER B 152 -52.05 -12.46 13.33
C SER B 152 -51.10 -11.41 12.76
N PRO B 153 -51.50 -10.13 12.80
CA PRO B 153 -50.65 -9.05 12.28
C PRO B 153 -49.34 -8.97 13.08
N PHE B 154 -49.39 -9.38 14.34
CA PHE B 154 -48.20 -9.38 15.21
C PHE B 154 -47.18 -10.37 14.67
N TYR B 155 -47.67 -11.54 14.29
CA TYR B 155 -46.83 -12.61 13.76
C TYR B 155 -46.17 -12.12 12.48
N GLN B 156 -46.96 -11.49 11.62
CA GLN B 156 -46.45 -11.00 10.35
C GLN B 156 -45.44 -9.87 10.54
N CYS B 157 -45.62 -9.05 11.58
CA CYS B 157 -44.67 -7.98 11.84
C CYS B 157 -43.30 -8.60 12.15
N ALA B 158 -43.31 -9.72 12.88
CA ALA B 158 -42.06 -10.40 13.23
C ALA B 158 -41.39 -10.95 11.97
N GLU B 159 -42.18 -11.54 11.09
CA GLU B 159 -41.66 -12.11 9.85
C GLU B 159 -41.01 -11.02 9.00
N VAL B 160 -41.72 -9.91 8.84
CA VAL B 160 -41.22 -8.78 8.06
C VAL B 160 -39.95 -8.19 8.67
N LEU B 161 -40.04 -7.81 9.94
CA LEU B 161 -38.89 -7.21 10.60
C LEU B 161 -37.67 -8.13 10.62
N GLU B 162 -37.88 -9.44 10.76
CA GLU B 162 -36.75 -10.36 10.78
C GLU B 162 -36.06 -10.40 9.42
N SER B 163 -36.85 -10.39 8.35
CA SER B 163 -36.30 -10.39 7.00
C SER B 163 -35.50 -9.10 6.80
N PHE B 164 -36.03 -8.00 7.32
CA PHE B 164 -35.37 -6.70 7.23
C PHE B 164 -34.04 -6.78 8.00
N PHE B 165 -34.11 -7.35 9.20
CA PHE B 165 -32.93 -7.48 10.05
C PHE B 165 -31.80 -8.29 9.41
N VAL B 166 -32.14 -9.40 8.78
CA VAL B 166 -31.14 -10.24 8.13
C VAL B 166 -30.38 -9.43 7.08
N GLN B 167 -31.09 -8.59 6.33
CA GLN B 167 -30.44 -7.78 5.30
C GLN B 167 -29.55 -6.72 5.94
N LYS B 168 -30.04 -6.13 7.03
CA LYS B 168 -29.28 -5.10 7.74
C LYS B 168 -27.93 -5.60 8.26
N LEU B 169 -27.87 -6.87 8.65
CA LEU B 169 -26.63 -7.43 9.19
C LEU B 169 -25.60 -7.85 8.13
N LYS B 170 -26.02 -7.90 6.87
CA LYS B 170 -25.11 -8.29 5.80
C LYS B 170 -23.89 -7.37 5.73
N GLY B 171 -22.70 -7.97 5.79
CA GLY B 171 -21.47 -7.19 5.74
C GLY B 171 -21.25 -6.28 6.93
N PHE B 172 -21.88 -6.58 8.05
CA PHE B 172 -21.75 -5.78 9.26
C PHE B 172 -20.31 -5.63 9.73
N LYS B 173 -19.63 -6.74 9.95
CA LYS B 173 -18.26 -6.75 10.43
C LYS B 173 -17.28 -6.39 9.31
N LYS C 8 -6.57 -13.60 -32.13
CA LYS C 8 -5.21 -13.03 -31.89
C LYS C 8 -4.27 -14.11 -31.34
N LEU C 9 -3.02 -14.09 -31.81
CA LEU C 9 -2.03 -15.07 -31.36
C LEU C 9 -0.97 -14.40 -30.50
N TYR C 10 -0.36 -15.17 -29.59
CA TYR C 10 0.66 -14.65 -28.70
C TYR C 10 1.86 -15.57 -28.65
N CYS C 11 2.95 -15.07 -28.06
CA CYS C 11 4.18 -15.83 -27.89
C CYS C 11 4.84 -16.24 -29.20
N ILE C 12 6.00 -16.88 -29.09
CA ILE C 12 6.72 -17.33 -30.27
C ILE C 12 5.99 -18.50 -30.90
N CYS C 13 5.32 -19.29 -30.07
CA CYS C 13 4.57 -20.44 -30.54
C CYS C 13 3.32 -20.01 -31.32
N LYS C 14 3.00 -18.73 -31.26
CA LYS C 14 1.85 -18.18 -31.97
C LYS C 14 0.58 -19.00 -31.75
N THR C 15 0.06 -18.94 -30.53
CA THR C 15 -1.15 -19.67 -30.17
C THR C 15 -2.14 -18.74 -29.46
N PRO C 16 -3.43 -19.12 -29.43
CA PRO C 16 -4.44 -18.29 -28.77
C PRO C 16 -4.16 -18.19 -27.27
N TYR C 17 -4.67 -17.13 -26.65
CA TYR C 17 -4.47 -16.92 -25.22
C TYR C 17 -5.06 -18.05 -24.37
N ASP C 18 -4.31 -18.46 -23.36
CA ASP C 18 -4.76 -19.52 -22.46
C ASP C 18 -4.74 -18.97 -21.03
N GLU C 19 -5.93 -18.71 -20.49
CA GLU C 19 -6.09 -18.15 -19.15
C GLU C 19 -5.39 -18.94 -18.04
N SER C 20 -5.09 -20.20 -18.27
CA SER C 20 -4.44 -21.02 -17.24
C SER C 20 -2.92 -21.00 -17.25
N LYS C 21 -2.33 -20.50 -18.33
CA LYS C 21 -0.88 -20.47 -18.45
C LYS C 21 -0.25 -19.19 -17.92
N PHE C 22 1.02 -19.30 -17.55
CA PHE C 22 1.78 -18.17 -17.03
C PHE C 22 2.41 -17.40 -18.19
N TYR C 23 2.13 -16.10 -18.26
CA TYR C 23 2.70 -15.25 -19.31
C TYR C 23 3.59 -14.18 -18.70
N ILE C 24 4.55 -13.71 -19.49
CA ILE C 24 5.47 -12.67 -19.07
C ILE C 24 5.51 -11.65 -20.22
N GLY C 25 5.51 -10.37 -19.87
CA GLY C 25 5.52 -9.34 -20.90
C GLY C 25 6.87 -8.72 -21.20
N CYS C 26 7.14 -8.46 -22.47
CA CYS C 26 8.40 -7.85 -22.89
C CYS C 26 8.23 -6.33 -22.85
N ASP C 27 9.12 -5.65 -22.13
CA ASP C 27 9.04 -4.20 -22.02
C ASP C 27 9.40 -3.47 -23.31
N ARG C 28 10.16 -4.13 -24.18
CA ARG C 28 10.58 -3.52 -25.45
C ARG C 28 9.48 -3.52 -26.51
N CYS C 29 8.92 -4.70 -26.79
CA CYS C 29 7.88 -4.80 -27.82
C CYS C 29 6.47 -4.79 -27.24
N GLN C 30 6.36 -4.94 -25.92
CA GLN C 30 5.07 -4.94 -25.24
C GLN C 30 4.19 -6.16 -25.54
N ASN C 31 4.80 -7.25 -25.97
CA ASN C 31 4.04 -8.47 -26.27
C ASN C 31 4.14 -9.45 -25.10
N TRP C 32 3.24 -10.43 -25.07
CA TRP C 32 3.24 -11.42 -24.00
C TRP C 32 3.74 -12.77 -24.48
N TYR C 33 4.48 -13.46 -23.62
CA TYR C 33 5.04 -14.77 -23.95
C TYR C 33 4.86 -15.77 -22.81
N HIS C 34 4.75 -17.05 -23.16
CA HIS C 34 4.63 -18.11 -22.16
C HIS C 34 6.00 -18.19 -21.50
N GLY C 35 6.03 -18.15 -20.17
CA GLY C 35 7.29 -18.24 -19.47
C GLY C 35 8.12 -19.43 -19.90
N ARG C 36 7.46 -20.55 -20.16
CA ARG C 36 8.14 -21.78 -20.57
C ARG C 36 8.75 -21.68 -21.96
N CYS C 37 8.05 -21.01 -22.88
CA CYS C 37 8.54 -20.87 -24.24
C CYS C 37 9.80 -20.01 -24.33
N VAL C 38 9.86 -18.95 -23.51
CA VAL C 38 11.02 -18.07 -23.52
C VAL C 38 12.09 -18.51 -22.54
N GLY C 39 11.79 -19.55 -21.78
CA GLY C 39 12.75 -20.08 -20.83
C GLY C 39 12.93 -19.28 -19.54
N ILE C 40 11.82 -18.78 -18.99
CA ILE C 40 11.88 -18.01 -17.76
C ILE C 40 10.97 -18.63 -16.71
N LEU C 41 11.57 -19.19 -15.67
CA LEU C 41 10.81 -19.81 -14.60
C LEU C 41 10.03 -18.78 -13.81
N GLN C 42 9.07 -19.24 -13.01
CA GLN C 42 8.23 -18.36 -12.21
C GLN C 42 8.92 -17.96 -10.90
N SER C 43 10.23 -18.08 -10.86
CA SER C 43 10.98 -17.72 -9.67
C SER C 43 11.89 -16.55 -10.02
N GLU C 44 12.51 -16.64 -11.19
CA GLU C 44 13.41 -15.59 -11.66
C GLU C 44 12.66 -14.41 -12.27
N ALA C 45 11.45 -14.65 -12.76
CA ALA C 45 10.65 -13.59 -13.35
C ALA C 45 10.10 -12.66 -12.27
N GLU C 46 10.03 -13.16 -11.04
CA GLU C 46 9.52 -12.38 -9.93
C GLU C 46 10.58 -11.46 -9.33
N LEU C 47 11.85 -11.72 -9.65
CA LEU C 47 12.95 -10.91 -9.12
C LEU C 47 13.26 -9.73 -10.04
N ILE C 48 13.35 -10.00 -11.35
CA ILE C 48 13.65 -8.95 -12.32
C ILE C 48 12.58 -7.87 -12.32
N ASP C 49 12.95 -6.69 -12.78
CA ASP C 49 12.02 -5.56 -12.83
C ASP C 49 11.70 -5.20 -14.28
N GLU C 50 12.44 -5.81 -15.20
CA GLU C 50 12.25 -5.55 -16.63
C GLU C 50 12.55 -6.83 -17.40
N TYR C 51 11.80 -7.09 -18.46
CA TYR C 51 12.01 -8.28 -19.27
C TYR C 51 12.13 -7.98 -20.76
N VAL C 52 13.07 -8.65 -21.40
CA VAL C 52 13.29 -8.49 -22.84
C VAL C 52 13.20 -9.88 -23.46
N CYS C 53 12.26 -10.07 -24.38
CA CYS C 53 12.07 -11.37 -25.01
C CYS C 53 13.24 -11.75 -25.91
N PRO C 54 13.33 -13.04 -26.29
CA PRO C 54 14.39 -13.56 -27.15
C PRO C 54 14.58 -12.81 -28.45
N GLN C 55 13.48 -12.50 -29.13
CA GLN C 55 13.55 -11.78 -30.39
C GLN C 55 14.08 -10.37 -30.19
N CYS C 56 13.60 -9.68 -29.17
CA CYS C 56 14.06 -8.33 -28.90
C CYS C 56 15.51 -8.33 -28.44
N GLN C 57 15.88 -9.34 -27.66
CA GLN C 57 17.25 -9.44 -27.17
C GLN C 57 18.20 -9.67 -28.35
N SER C 58 17.77 -10.51 -29.28
CA SER C 58 18.57 -10.82 -30.47
C SER C 58 18.79 -9.53 -31.27
N THR C 59 17.75 -8.72 -31.38
CA THR C 59 17.87 -7.47 -32.11
C THR C 59 18.83 -6.53 -31.42
N GLU C 60 18.73 -6.45 -30.09
CA GLU C 60 19.61 -5.58 -29.33
C GLU C 60 21.07 -6.03 -29.43
N ASP C 61 21.29 -7.34 -29.47
CA ASP C 61 22.65 -7.84 -29.58
C ASP C 61 23.23 -7.50 -30.95
N ALA C 62 22.40 -7.57 -31.98
CA ALA C 62 22.81 -7.27 -33.34
C ALA C 62 23.09 -5.79 -33.54
N MSE C 63 22.35 -4.93 -32.85
CA MSE C 63 22.54 -3.49 -33.01
C MSE C 63 23.68 -2.90 -32.17
O MSE C 63 24.06 -1.75 -32.38
CB MSE C 63 21.24 -2.75 -32.70
CG MSE C 63 20.63 -3.06 -31.36
SE MSE C 63 18.90 -2.22 -31.12
CE MSE C 63 19.36 -1.06 -29.64
N THR C 64 24.23 -3.67 -31.23
CA THR C 64 25.31 -3.18 -30.39
C THR C 64 26.48 -2.61 -31.20
N VAL C 65 26.72 -3.17 -32.38
CA VAL C 65 27.82 -2.70 -33.22
C VAL C 65 27.40 -1.57 -34.17
N LEU C 66 26.13 -1.21 -34.15
CA LEU C 66 25.63 -0.16 -35.04
C LEU C 66 25.25 1.14 -34.33
N THR C 67 25.03 1.09 -33.03
CA THR C 67 24.63 2.27 -32.27
C THR C 67 25.79 3.24 -32.06
N PRO C 68 25.47 4.52 -31.80
CA PRO C 68 26.51 5.54 -31.58
C PRO C 68 27.40 5.15 -30.41
N LEU C 69 28.69 5.48 -30.52
CA LEU C 69 29.62 5.18 -29.43
C LEU C 69 29.52 6.29 -28.39
N THR C 70 29.35 5.90 -27.14
CA THR C 70 29.24 6.86 -26.03
C THR C 70 30.61 7.09 -25.39
N GLU C 71 30.64 7.94 -24.37
CA GLU C 71 31.88 8.23 -23.65
C GLU C 71 32.32 6.98 -22.92
N LYS C 72 31.37 6.24 -22.39
CA LYS C 72 31.65 5.01 -21.66
C LYS C 72 32.21 3.99 -22.66
N ASP C 73 31.64 3.96 -23.85
CA ASP C 73 32.11 3.03 -24.89
C ASP C 73 33.58 3.30 -25.20
N TYR C 74 33.93 4.58 -25.33
CA TYR C 74 35.30 4.94 -25.64
C TYR C 74 36.28 4.56 -24.53
N GLU C 75 35.79 4.50 -23.31
CA GLU C 75 36.63 4.10 -22.20
C GLU C 75 36.92 2.62 -22.41
N GLY C 76 35.95 1.92 -22.98
CA GLY C 76 36.10 0.50 -23.25
C GLY C 76 37.03 0.24 -24.43
N LEU C 77 36.97 1.09 -25.44
CA LEU C 77 37.83 0.92 -26.62
C LEU C 77 39.29 1.09 -26.22
N LYS C 78 39.56 2.06 -25.36
CA LYS C 78 40.92 2.32 -24.90
C LYS C 78 41.42 1.11 -24.11
N ARG C 79 40.54 0.58 -23.26
CA ARG C 79 40.85 -0.58 -22.43
C ARG C 79 41.18 -1.80 -23.30
N VAL C 80 40.30 -2.09 -24.26
CA VAL C 80 40.50 -3.23 -25.15
C VAL C 80 41.77 -3.07 -25.99
N LEU C 81 41.91 -1.91 -26.63
CA LEU C 81 43.08 -1.65 -27.46
C LEU C 81 44.37 -1.84 -26.68
N ARG C 82 44.40 -1.33 -25.45
CA ARG C 82 45.58 -1.46 -24.61
C ARG C 82 45.89 -2.91 -24.27
N SER C 83 44.85 -3.72 -24.06
CA SER C 83 45.05 -5.12 -23.73
C SER C 83 45.66 -5.84 -24.93
N LEU C 84 45.27 -5.42 -26.13
CA LEU C 84 45.80 -6.02 -27.35
C LEU C 84 47.27 -5.63 -27.54
N GLN C 85 47.58 -4.34 -27.30
CA GLN C 85 48.95 -3.85 -27.45
C GLN C 85 49.90 -4.50 -26.44
N ALA C 86 49.38 -4.91 -25.30
CA ALA C 86 50.21 -5.54 -24.26
C ALA C 86 50.34 -7.04 -24.45
N HIS C 87 49.53 -7.61 -25.34
CA HIS C 87 49.54 -9.04 -25.60
C HIS C 87 50.87 -9.52 -26.21
N LYS C 88 51.33 -10.69 -25.81
CA LYS C 88 52.59 -11.23 -26.30
C LYS C 88 52.66 -11.48 -27.81
N MSE C 89 51.54 -11.84 -28.42
CA MSE C 89 51.51 -12.10 -29.86
C MSE C 89 51.20 -10.87 -30.70
O MSE C 89 51.02 -10.97 -31.90
CB MSE C 89 50.48 -13.20 -30.19
CG MSE C 89 50.97 -14.62 -29.93
SE MSE C 89 51.30 -15.02 -28.07
CE MSE C 89 51.11 -16.95 -28.15
N ALA C 90 51.17 -9.70 -30.07
CA ALA C 90 50.87 -8.46 -30.79
C ALA C 90 52.07 -7.71 -31.36
N TRP C 91 53.27 -8.11 -31.00
CA TRP C 91 54.47 -7.41 -31.46
C TRP C 91 54.55 -7.07 -32.96
N PRO C 92 54.04 -7.94 -33.84
CA PRO C 92 54.17 -7.57 -35.26
C PRO C 92 53.11 -6.60 -35.79
N PHE C 93 52.15 -6.22 -34.94
CA PHE C 93 51.08 -5.32 -35.36
C PHE C 93 51.07 -3.98 -34.63
N LEU C 94 52.07 -3.74 -33.80
CA LEU C 94 52.14 -2.48 -33.05
C LEU C 94 52.31 -1.24 -33.92
N GLU C 95 53.10 -1.35 -34.99
CA GLU C 95 53.35 -0.22 -35.87
C GLU C 95 53.13 -0.53 -37.35
N PRO C 96 52.98 0.50 -38.19
CA PRO C 96 52.77 0.30 -39.62
C PRO C 96 53.96 -0.43 -40.22
N VAL C 97 53.72 -1.20 -41.28
CA VAL C 97 54.81 -1.92 -41.95
C VAL C 97 55.67 -0.88 -42.67
N ASP C 98 56.98 -0.92 -42.44
CA ASP C 98 57.88 0.03 -43.07
C ASP C 98 58.04 -0.29 -44.56
N PRO C 99 57.82 0.70 -45.44
CA PRO C 99 57.94 0.53 -46.89
C PRO C 99 59.22 -0.19 -47.33
N ASN C 100 60.34 0.14 -46.69
CA ASN C 100 61.63 -0.48 -47.04
C ASN C 100 61.73 -1.91 -46.52
N ASP C 101 61.22 -2.15 -45.32
CA ASP C 101 61.25 -3.47 -44.72
C ASP C 101 60.60 -4.51 -45.62
N ALA C 102 59.72 -4.05 -46.51
CA ALA C 102 59.02 -4.94 -47.43
C ALA C 102 58.25 -4.13 -48.47
N PRO C 103 58.95 -3.65 -49.53
CA PRO C 103 58.35 -2.86 -50.60
C PRO C 103 57.12 -3.49 -51.25
N ASP C 104 57.15 -4.82 -51.40
CA ASP C 104 56.05 -5.55 -52.01
C ASP C 104 54.77 -5.52 -51.17
N TYR C 105 54.91 -5.33 -49.87
CA TYR C 105 53.76 -5.31 -48.97
C TYR C 105 52.66 -4.34 -49.42
N TYR C 106 53.04 -3.07 -49.60
CA TYR C 106 52.08 -2.06 -50.02
C TYR C 106 51.62 -2.24 -51.46
N GLY C 107 52.03 -3.35 -52.06
CA GLY C 107 51.63 -3.64 -53.42
C GLY C 107 50.49 -4.65 -53.43
N VAL C 108 50.47 -5.51 -52.42
CA VAL C 108 49.43 -6.53 -52.30
C VAL C 108 48.35 -6.17 -51.30
N ILE C 109 48.73 -5.49 -50.21
CA ILE C 109 47.77 -5.09 -49.18
C ILE C 109 47.15 -3.76 -49.54
N LYS C 110 45.87 -3.79 -49.93
CA LYS C 110 45.15 -2.58 -50.31
C LYS C 110 44.75 -1.66 -49.16
N GLU C 111 44.49 -2.22 -47.99
CA GLU C 111 44.10 -1.39 -46.85
C GLU C 111 44.93 -1.69 -45.60
N PRO C 112 46.16 -1.17 -45.55
CA PRO C 112 47.01 -1.40 -44.38
C PRO C 112 46.40 -0.89 -43.08
N MSE C 113 46.80 -1.48 -41.97
CA MSE C 113 46.30 -1.08 -40.66
C MSE C 113 47.22 -1.64 -39.58
O MSE C 113 47.87 -2.66 -39.78
CB MSE C 113 44.86 -1.56 -40.46
CG MSE C 113 44.16 -1.09 -39.20
SE MSE C 113 44.10 0.82 -38.97
CE MSE C 113 43.34 1.33 -40.70
N ASP C 114 47.27 -0.95 -38.44
CA ASP C 114 48.10 -1.38 -37.32
C ASP C 114 47.49 -0.81 -36.04
N LEU C 115 47.97 -1.28 -34.90
CA LEU C 115 47.45 -0.83 -33.62
C LEU C 115 47.76 0.63 -33.30
N ALA C 116 48.88 1.15 -33.80
CA ALA C 116 49.24 2.55 -33.54
C ALA C 116 48.25 3.47 -34.25
N THR C 117 47.84 3.09 -35.45
CA THR C 117 46.89 3.88 -36.21
C THR C 117 45.52 3.86 -35.51
N MSE C 118 45.14 2.70 -35.01
CA MSE C 118 43.87 2.58 -34.31
C MSE C 118 43.91 3.37 -33.00
O MSE C 118 42.89 3.92 -32.57
CB MSE C 118 43.55 1.12 -34.01
CG MSE C 118 43.27 0.28 -35.23
SE MSE C 118 42.76 -1.52 -34.74
CE MSE C 118 40.94 -1.14 -34.17
N GLU C 119 45.08 3.42 -32.38
CA GLU C 119 45.25 4.16 -31.13
C GLU C 119 45.04 5.64 -31.39
N GLU C 120 45.59 6.15 -32.48
CA GLU C 120 45.41 7.55 -32.81
C GLU C 120 43.94 7.82 -33.13
N ARG C 121 43.33 6.90 -33.85
CA ARG C 121 41.92 7.03 -34.21
C ARG C 121 41.03 7.07 -32.98
N VAL C 122 41.35 6.25 -31.98
CA VAL C 122 40.56 6.24 -30.76
C VAL C 122 40.75 7.57 -30.04
N GLN C 123 42.00 8.03 -29.97
CA GLN C 123 42.31 9.29 -29.31
C GLN C 123 41.61 10.46 -29.99
N ARG C 124 41.50 10.39 -31.32
CA ARG C 124 40.85 11.44 -32.11
C ARG C 124 39.33 11.28 -32.21
N ARG C 125 38.78 10.24 -31.59
CA ARG C 125 37.34 9.99 -31.64
C ARG C 125 36.85 9.79 -33.06
N TYR C 126 37.67 9.10 -33.86
CA TYR C 126 37.35 8.83 -35.26
C TYR C 126 36.19 7.86 -35.45
N TYR C 127 36.08 6.88 -34.56
CA TYR C 127 35.02 5.87 -34.65
C TYR C 127 33.68 6.40 -34.16
N GLU C 128 32.62 6.09 -34.89
CA GLU C 128 31.28 6.51 -34.51
C GLU C 128 30.40 5.31 -34.18
N LYS C 129 30.83 4.13 -34.62
CA LYS C 129 30.10 2.88 -34.38
C LYS C 129 31.12 1.80 -34.05
N LEU C 130 30.77 0.88 -33.15
CA LEU C 130 31.67 -0.20 -32.77
C LEU C 130 32.12 -1.04 -33.96
N THR C 131 31.25 -1.15 -34.96
CA THR C 131 31.57 -1.94 -36.15
C THR C 131 32.78 -1.42 -36.90
N GLU C 132 32.98 -0.10 -36.88
CA GLU C 132 34.10 0.53 -37.56
C GLU C 132 35.42 0.15 -36.89
N PHE C 133 35.39 0.05 -35.56
CA PHE C 133 36.57 -0.31 -34.77
C PHE C 133 36.88 -1.79 -35.02
N VAL C 134 35.84 -2.63 -34.97
CA VAL C 134 36.02 -4.05 -35.19
C VAL C 134 36.52 -4.28 -36.61
N ALA C 135 36.07 -3.44 -37.55
CA ALA C 135 36.51 -3.56 -38.93
C ALA C 135 38.02 -3.32 -39.07
N ASP C 136 38.53 -2.31 -38.35
CA ASP C 136 39.96 -2.01 -38.41
C ASP C 136 40.79 -3.14 -37.83
N MSE C 137 40.35 -3.67 -36.70
CA MSE C 137 41.06 -4.76 -36.03
C MSE C 137 41.10 -5.99 -36.95
O MSE C 137 42.15 -6.61 -37.13
CB MSE C 137 40.35 -5.11 -34.72
CG MSE C 137 41.10 -6.07 -33.82
SE MSE C 137 42.79 -5.36 -33.21
CE MSE C 137 42.14 -3.80 -32.27
N THR C 138 39.95 -6.32 -37.53
CA THR C 138 39.82 -7.47 -38.42
C THR C 138 40.76 -7.32 -39.62
N LYS C 139 40.94 -6.08 -40.04
CA LYS C 139 41.79 -5.75 -41.18
C LYS C 139 43.23 -6.12 -40.87
N ILE C 140 43.65 -5.87 -39.63
CA ILE C 140 45.00 -6.19 -39.18
C ILE C 140 45.25 -7.70 -39.32
N PHE C 141 44.31 -8.49 -38.82
CA PHE C 141 44.44 -9.94 -38.87
C PHE C 141 44.31 -10.48 -40.29
N ASP C 142 43.37 -9.96 -41.08
CA ASP C 142 43.19 -10.43 -42.44
C ASP C 142 44.36 -10.09 -43.35
N ASN C 143 44.96 -8.92 -43.17
CA ASN C 143 46.09 -8.53 -44.00
C ASN C 143 47.28 -9.45 -43.69
N CYS C 144 47.49 -9.74 -42.41
CA CYS C 144 48.58 -10.61 -41.99
C CYS C 144 48.45 -12.01 -42.57
N ARG C 145 47.26 -12.59 -42.42
CA ARG C 145 47.02 -13.95 -42.93
C ARG C 145 47.09 -14.01 -44.45
N TYR C 146 46.86 -12.88 -45.11
CA TYR C 146 46.90 -12.82 -46.56
C TYR C 146 48.34 -12.70 -47.04
N TYR C 147 49.12 -11.88 -46.34
CA TYR C 147 50.51 -11.64 -46.70
C TYR C 147 51.48 -12.75 -46.29
N ASN C 148 51.22 -13.41 -45.15
CA ASN C 148 52.11 -14.47 -44.69
C ASN C 148 51.54 -15.87 -44.87
N PRO C 149 52.42 -16.88 -44.95
CA PRO C 149 51.99 -18.26 -45.12
C PRO C 149 51.40 -18.78 -43.81
N SER C 150 50.40 -19.64 -43.90
CA SER C 150 49.74 -20.19 -42.72
C SER C 150 50.67 -20.94 -41.76
N ASP C 151 51.89 -21.19 -42.21
CA ASP C 151 52.86 -21.91 -41.38
C ASP C 151 53.81 -20.99 -40.62
N SER C 152 53.79 -19.70 -40.96
CA SER C 152 54.67 -18.75 -40.29
C SER C 152 54.15 -18.28 -38.94
N PRO C 153 55.05 -17.90 -38.03
CA PRO C 153 54.66 -17.43 -36.70
C PRO C 153 53.79 -16.17 -36.80
N PHE C 154 54.02 -15.37 -37.83
CA PHE C 154 53.25 -14.14 -38.04
C PHE C 154 51.79 -14.48 -38.23
N TYR C 155 51.52 -15.46 -39.08
CA TYR C 155 50.16 -15.91 -39.35
C TYR C 155 49.54 -16.44 -38.06
N GLN C 156 50.31 -17.18 -37.28
CA GLN C 156 49.82 -17.73 -36.04
C GLN C 156 49.53 -16.65 -35.00
N CYS C 157 50.38 -15.63 -34.94
CA CYS C 157 50.17 -14.53 -34.02
C CYS C 157 48.80 -13.90 -34.27
N ALA C 158 48.45 -13.76 -35.55
CA ALA C 158 47.16 -13.19 -35.93
C ALA C 158 46.02 -14.08 -35.46
N GLU C 159 46.18 -15.39 -35.62
CA GLU C 159 45.17 -16.36 -35.20
C GLU C 159 44.89 -16.22 -33.71
N VAL C 160 45.97 -16.23 -32.93
CA VAL C 160 45.90 -16.12 -31.47
C VAL C 160 45.27 -14.81 -31.02
N LEU C 161 45.76 -13.70 -31.57
CA LEU C 161 45.25 -12.39 -31.20
C LEU C 161 43.78 -12.21 -31.53
N GLU C 162 43.34 -12.71 -32.67
CA GLU C 162 41.94 -12.57 -33.05
C GLU C 162 41.05 -13.36 -32.11
N SER C 163 41.52 -14.52 -31.68
CA SER C 163 40.77 -15.36 -30.75
C SER C 163 40.63 -14.61 -29.43
N PHE C 164 41.73 -13.99 -29.01
CA PHE C 164 41.79 -13.20 -27.78
C PHE C 164 40.86 -11.99 -27.89
N PHE C 165 40.91 -11.31 -29.03
CA PHE C 165 40.08 -10.13 -29.29
C PHE C 165 38.59 -10.46 -29.23
N VAL C 166 38.19 -11.54 -29.91
CA VAL C 166 36.79 -11.94 -29.91
C VAL C 166 36.26 -12.10 -28.49
N GLN C 167 37.04 -12.75 -27.64
CA GLN C 167 36.65 -12.96 -26.25
C GLN C 167 36.56 -11.63 -25.52
N LYS C 168 37.51 -10.74 -25.80
CA LYS C 168 37.54 -9.42 -25.17
C LYS C 168 36.32 -8.57 -25.51
N LEU C 169 35.76 -8.77 -26.69
CA LEU C 169 34.59 -8.01 -27.12
C LEU C 169 33.29 -8.48 -26.47
N LYS C 170 33.28 -9.69 -25.94
CA LYS C 170 32.07 -10.22 -25.30
C LYS C 170 31.62 -9.31 -24.14
N GLY C 171 30.35 -8.92 -24.18
CA GLY C 171 29.79 -8.08 -23.14
C GLY C 171 30.38 -6.67 -23.11
N PHE C 172 30.93 -6.23 -24.24
CA PHE C 172 31.52 -4.90 -24.34
C PHE C 172 30.54 -3.81 -23.90
N LYS C 173 29.41 -3.72 -24.61
CA LYS C 173 28.40 -2.72 -24.29
C LYS C 173 27.03 -3.36 -24.15
N ALA D 1 -20.25 40.98 28.44
CA ALA D 1 -21.03 39.73 28.67
C ALA D 1 -22.42 40.07 29.18
N ARG D 2 -23.41 39.30 28.74
CA ARG D 2 -24.79 39.50 29.16
C ARG D 2 -24.98 38.83 30.52
N THR D 3 -25.68 39.50 31.42
CA THR D 3 -25.89 38.95 32.76
C THR D 3 -27.25 39.30 33.35
N MLY D 4 -27.59 38.60 34.44
CA MLY D 4 -28.83 38.84 35.15
CB MLY D 4 -29.79 37.65 35.06
CG MLY D 4 -30.44 37.46 33.70
CD MLY D 4 -31.51 36.39 33.76
CE MLY D 4 -32.11 36.11 32.39
NZ MLY D 4 -33.21 35.14 32.46
CH1 MLY D 4 -33.84 34.96 31.16
CH2 MLY D 4 -32.83 33.85 33.03
C MLY D 4 -28.44 39.06 36.61
O MLY D 4 -27.77 38.21 37.20
N GLN D 5 -28.84 40.19 37.17
CA GLN D 5 -28.52 40.51 38.56
C GLN D 5 -29.78 40.68 39.39
N THR D 6 -29.63 40.61 40.70
CA THR D 6 -30.75 40.76 41.63
C THR D 6 -31.41 42.11 41.50
ZN ZN E . -26.50 26.56 38.67
ZN ZN F . -23.13 27.35 26.26
ZN ZN G . -6.35 -25.96 -9.16
ZN ZN H . -6.17 -19.30 2.20
ZN ZN I . 4.46 -19.99 -26.15
ZN ZN J . 10.09 -8.16 -27.15
#